data_7B4T
#
_entry.id   7B4T
#
_cell.length_a   33.980
_cell.length_b   67.050
_cell.length_c   95.610
_cell.angle_alpha   90.000
_cell.angle_beta   90.000
_cell.angle_gamma   90.000
#
_symmetry.space_group_name_H-M   'P 21 21 21'
#
loop_
_entity.id
_entity.type
_entity.pdbx_description
1 polymer 'HIV-1 envelope variable loop 3 crown mimetic peptide V3-IF (BG505)'
2 polymer 'Broadly neutralizing DARPin bnD.1'
3 non-polymer 'SULFATE ION'
4 water water
#
loop_
_entity_poly.entity_id
_entity_poly.type
_entity_poly.pdbx_seq_one_letter_code
_entity_poly.pdbx_strand_id
1 'polypeptide(L)' KSIRIGPGQAFYA(DPR)P B
2 'polypeptide(L)'
;GPGSDLGKKLLEAARAGQDDEVRILMANGADVNADDNTGETPLHLAAYEGHLEIVEVLLKTGADVNAEDMMGFTPLHLAA
AWGHLEIVEVLLKHGADVNAQDNQGVTPLHLAAYEGHLEFVEVLLKHGADVNAQDKFGKTPFDLAIDNGNEDIAEVLQKA
AKLN
;
A
#
loop_
_chem_comp.id
_chem_comp.type
_chem_comp.name
_chem_comp.formula
SO4 non-polymer 'SULFATE ION' 'O4 S -2'
#
# COMPACT_ATOMS: atom_id res chain seq x y z
N LYS A 1 14.79 -2.56 14.93
CA LYS A 1 13.75 -2.57 13.90
C LYS A 1 13.52 -3.97 13.31
N SER A 2 12.84 -3.98 12.17
CA SER A 2 12.54 -5.16 11.35
C SER A 2 11.13 -4.99 10.80
N ILE A 3 10.28 -6.00 11.01
CA ILE A 3 8.82 -5.95 10.85
C ILE A 3 8.36 -5.08 9.68
N ARG A 4 7.71 -5.72 8.71
CA ARG A 4 7.06 -5.01 7.63
C ARG A 4 6.05 -4.00 8.17
N ILE A 5 5.74 -3.00 7.34
CA ILE A 5 4.71 -2.05 7.70
C ILE A 5 3.37 -2.79 7.81
N GLY A 6 2.45 -2.17 8.52
CA GLY A 6 1.13 -2.72 8.71
C GLY A 6 0.26 -1.69 9.39
N PRO A 7 -1.03 -1.98 9.52
CA PRO A 7 -1.95 -0.99 10.10
C PRO A 7 -1.39 -0.19 11.27
N GLY A 8 -0.86 -0.86 12.27
CA GLY A 8 -0.32 -0.15 13.42
C GLY A 8 1.18 -0.24 13.53
N GLN A 9 1.89 -0.19 12.41
CA GLN A 9 3.33 -0.44 12.40
C GLN A 9 3.99 0.48 11.38
N ALA A 10 4.68 1.51 11.86
CA ALA A 10 5.45 2.39 10.99
C ALA A 10 6.67 1.67 10.42
N PHE A 11 7.18 2.20 9.30
CA PHE A 11 8.40 1.66 8.71
C PHE A 11 9.57 1.81 9.67
N TYR A 12 9.71 3.00 10.27
CA TYR A 12 10.71 3.27 11.29
C TYR A 12 10.03 3.17 12.65
N ALA A 13 10.31 2.08 13.36
CA ALA A 13 9.66 1.84 14.64
C ALA A 13 10.69 1.35 15.66
N DPR A 14 11.48 2.29 16.21
CA DPR A 14 12.42 1.91 17.27
CB DPR A 14 12.88 3.26 17.81
CG DPR A 14 12.78 4.19 16.65
CD DPR A 14 11.64 3.70 15.79
C DPR A 14 13.62 1.12 16.72
O DPR A 14 14.00 1.34 15.57
HA DPR A 14 11.97 1.40 17.95
HB2 DPR A 14 13.79 3.20 18.12
HB3 DPR A 14 12.29 3.54 18.53
HG2 DPR A 14 13.61 4.17 16.14
HG3 DPR A 14 12.60 5.09 16.96
HD2 DPR A 14 10.83 4.20 16.00
HD3 DPR A 14 11.86 3.75 14.86
N PRO A 15 14.17 0.20 17.53
CA PRO A 15 15.38 -0.53 17.13
C PRO A 15 15.27 -1.18 15.75
N GLY B 1 -23.31 6.94 12.96
CA GLY B 1 -24.50 7.21 12.19
C GLY B 1 -25.06 5.95 11.55
N PRO B 2 -26.19 6.07 10.85
CA PRO B 2 -26.73 4.91 10.15
C PRO B 2 -25.75 4.37 9.12
N GLY B 3 -25.62 3.05 9.08
CA GLY B 3 -24.70 2.39 8.19
C GLY B 3 -23.33 2.08 8.79
N SER B 4 -23.03 2.61 9.98
CA SER B 4 -21.71 2.38 10.55
C SER B 4 -21.44 0.90 10.75
N ASP B 5 -22.45 0.13 11.13
CA ASP B 5 -22.24 -1.30 11.37
C ASP B 5 -22.00 -2.05 10.06
N LEU B 6 -22.68 -1.64 8.98
CA LEU B 6 -22.37 -2.21 7.66
C LEU B 6 -20.93 -1.93 7.25
N GLY B 7 -20.43 -0.73 7.56
CA GLY B 7 -19.06 -0.42 7.23
C GLY B 7 -18.07 -1.28 8.00
N LYS B 8 -18.36 -1.52 9.28
CA LYS B 8 -17.51 -2.38 10.08
C LYS B 8 -17.58 -3.83 9.58
N LYS B 9 -18.77 -4.28 9.16
CA LYS B 9 -18.87 -5.60 8.56
C LYS B 9 -18.10 -5.67 7.25
N LEU B 10 -18.10 -4.58 6.47
CA LEU B 10 -17.36 -4.56 5.21
C LEU B 10 -15.87 -4.58 5.44
N LEU B 11 -15.38 -3.77 6.38
CA LEU B 11 -13.97 -3.81 6.74
C LEU B 11 -13.53 -5.23 7.08
N GLU B 12 -14.30 -5.92 7.94
CA GLU B 12 -13.94 -7.28 8.31
C GLU B 12 -13.92 -8.20 7.08
N ALA B 13 -14.95 -8.08 6.24
CA ALA B 13 -15.09 -8.98 5.09
C ALA B 13 -13.94 -8.79 4.10
N ALA B 14 -13.47 -7.55 3.95
CA ALA B 14 -12.35 -7.31 3.05
C ALA B 14 -11.05 -7.81 3.65
N ARG B 15 -10.85 -7.59 4.95
CA ARG B 15 -9.68 -8.15 5.63
C ARG B 15 -9.66 -9.67 5.51
N ALA B 16 -10.82 -10.31 5.65
CA ALA B 16 -10.91 -11.76 5.78
C ALA B 16 -10.98 -12.49 4.45
N GLY B 17 -11.07 -11.78 3.33
CA GLY B 17 -11.17 -12.44 2.04
C GLY B 17 -12.54 -13.02 1.72
N GLN B 18 -13.61 -12.45 2.27
CA GLN B 18 -14.97 -12.96 2.06
C GLN B 18 -15.59 -12.29 0.83
N ASP B 19 -15.22 -12.79 -0.35
CA ASP B 19 -15.66 -12.18 -1.61
C ASP B 19 -17.17 -11.96 -1.64
N ASP B 20 -17.95 -13.00 -1.34
CA ASP B 20 -19.40 -12.90 -1.47
C ASP B 20 -19.97 -11.90 -0.47
N GLU B 21 -19.44 -11.89 0.76
CA GLU B 21 -19.97 -10.98 1.77
C GLU B 21 -19.73 -9.53 1.38
N VAL B 22 -18.57 -9.24 0.78
CA VAL B 22 -18.29 -7.90 0.29
C VAL B 22 -19.35 -7.48 -0.72
N ARG B 23 -19.65 -8.36 -1.68
CA ARG B 23 -20.64 -8.02 -2.69
C ARG B 23 -22.01 -7.75 -2.07
N ILE B 24 -22.45 -8.61 -1.14
CA ILE B 24 -23.72 -8.40 -0.45
C ILE B 24 -23.73 -7.04 0.23
N LEU B 25 -22.67 -6.74 0.97
CA LEU B 25 -22.64 -5.52 1.76
C LEU B 25 -22.65 -4.27 0.88
N MET B 26 -21.94 -4.32 -0.25
CA MET B 26 -21.98 -3.18 -1.16
C MET B 26 -23.39 -3.01 -1.74
N ALA B 27 -24.01 -4.11 -2.18
CA ALA B 27 -25.38 -4.03 -2.66
C ALA B 27 -26.33 -3.46 -1.62
N ASN B 28 -25.99 -3.55 -0.35
CA ASN B 28 -26.78 -3.00 0.75
C ASN B 28 -26.34 -1.59 1.15
N GLY B 29 -25.47 -0.96 0.37
CA GLY B 29 -25.13 0.43 0.61
C GLY B 29 -24.05 0.65 1.63
N ALA B 30 -23.27 -0.37 1.96
CA ALA B 30 -22.16 -0.18 2.88
C ALA B 30 -21.22 0.88 2.33
N ASP B 31 -20.59 1.63 3.24
CA ASP B 31 -19.67 2.69 2.86
C ASP B 31 -18.35 2.07 2.43
N VAL B 32 -18.06 2.12 1.12
CA VAL B 32 -16.85 1.51 0.58
C VAL B 32 -15.60 2.15 1.16
N ASN B 33 -15.70 3.38 1.66
CA ASN B 33 -14.53 4.10 2.18
C ASN B 33 -14.64 4.36 3.68
N ALA B 34 -15.46 3.58 4.40
CA ALA B 34 -15.37 3.59 5.84
C ALA B 34 -13.97 3.16 6.26
N ASP B 35 -13.53 3.60 7.42
CA ASP B 35 -12.21 3.24 7.91
C ASP B 35 -12.30 2.66 9.32
N ASP B 36 -11.28 1.87 9.67
CA ASP B 36 -11.26 1.15 10.91
C ASP B 36 -10.46 1.92 11.96
N ASN B 37 -10.11 1.26 13.06
CA ASN B 37 -9.56 1.97 14.20
C ASN B 37 -8.21 2.63 13.91
N THR B 38 -7.46 2.14 12.92
CA THR B 38 -6.19 2.76 12.56
C THR B 38 -6.26 3.48 11.21
N GLY B 39 -7.46 3.72 10.68
CA GLY B 39 -7.62 4.47 9.45
C GLY B 39 -7.57 3.63 8.19
N GLU B 40 -7.58 2.30 8.32
CA GLU B 40 -7.59 1.43 7.16
C GLU B 40 -8.98 1.41 6.55
N THR B 41 -9.06 1.63 5.24
CA THR B 41 -10.28 1.39 4.49
C THR B 41 -10.31 -0.07 4.05
N PRO B 42 -11.46 -0.53 3.55
CA PRO B 42 -11.49 -1.90 3.03
C PRO B 42 -10.42 -2.12 1.97
N LEU B 43 -10.17 -1.13 1.12
CA LEU B 43 -9.15 -1.29 0.09
C LEU B 43 -7.76 -1.44 0.72
N HIS B 44 -7.47 -0.71 1.80
CA HIS B 44 -6.25 -0.91 2.56
C HIS B 44 -6.14 -2.36 3.03
N LEU B 45 -7.20 -2.89 3.64
CA LEU B 45 -7.13 -4.21 4.23
C LEU B 45 -7.06 -5.29 3.16
N ALA B 46 -7.82 -5.13 2.07
CA ALA B 46 -7.74 -6.07 0.97
C ALA B 46 -6.34 -6.11 0.37
N ALA B 47 -5.71 -4.95 0.20
CA ALA B 47 -4.36 -4.93 -0.37
C ALA B 47 -3.35 -5.50 0.61
N TYR B 48 -3.51 -5.18 1.89
CA TYR B 48 -2.66 -5.73 2.93
C TYR B 48 -2.73 -7.25 2.98
N GLU B 49 -3.92 -7.82 2.81
CA GLU B 49 -4.10 -9.26 2.91
C GLU B 49 -3.91 -9.98 1.58
N GLY B 50 -3.67 -9.26 0.49
CA GLY B 50 -3.45 -9.88 -0.80
C GLY B 50 -4.69 -10.42 -1.47
N HIS B 51 -5.85 -9.81 -1.23
CA HIS B 51 -7.12 -10.29 -1.76
C HIS B 51 -7.45 -9.53 -3.04
N LEU B 52 -6.99 -10.08 -4.17
CA LEU B 52 -7.04 -9.36 -5.43
C LEU B 52 -8.48 -9.17 -5.91
N GLU B 53 -9.30 -10.22 -5.84
CA GLU B 53 -10.68 -10.11 -6.31
C GLU B 53 -11.42 -9.02 -5.55
N ILE B 54 -11.17 -8.91 -4.24
CA ILE B 54 -11.86 -7.90 -3.44
C ILE B 54 -11.32 -6.51 -3.75
N VAL B 55 -10.01 -6.36 -3.94
CA VAL B 55 -9.46 -5.09 -4.39
C VAL B 55 -10.21 -4.61 -5.63
N GLU B 56 -10.39 -5.52 -6.58
CA GLU B 56 -11.03 -5.13 -7.84
C GLU B 56 -12.47 -4.72 -7.59
N VAL B 57 -13.22 -5.51 -6.82
CA VAL B 57 -14.61 -5.16 -6.53
C VAL B 57 -14.69 -3.80 -5.85
N LEU B 58 -13.83 -3.58 -4.85
CA LEU B 58 -13.87 -2.33 -4.10
C LEU B 58 -13.57 -1.14 -5.00
N LEU B 59 -12.61 -1.28 -5.92
CA LEU B 59 -12.31 -0.19 -6.85
C LEU B 59 -13.53 0.11 -7.73
N LYS B 60 -14.16 -0.93 -8.28
CA LYS B 60 -15.28 -0.72 -9.18
C LYS B 60 -16.50 -0.14 -8.47
N THR B 61 -16.60 -0.33 -7.15
CA THR B 61 -17.70 0.24 -6.38
C THR B 61 -17.30 1.52 -5.63
N GLY B 62 -16.18 2.12 -5.99
CA GLY B 62 -15.89 3.49 -5.60
C GLY B 62 -14.81 3.71 -4.54
N ALA B 63 -13.97 2.73 -4.26
CA ALA B 63 -12.95 2.90 -3.23
C ALA B 63 -12.01 4.04 -3.60
N ASP B 64 -11.56 4.77 -2.57
CA ASP B 64 -10.59 5.85 -2.73
C ASP B 64 -9.21 5.21 -2.86
N VAL B 65 -8.67 5.18 -4.08
CA VAL B 65 -7.41 4.50 -4.33
C VAL B 65 -6.26 5.13 -3.56
N ASN B 66 -6.36 6.40 -3.20
CA ASN B 66 -5.30 7.12 -2.51
C ASN B 66 -5.65 7.44 -1.07
N ALA B 67 -6.59 6.71 -0.47
CA ALA B 67 -6.89 6.91 0.94
C ALA B 67 -5.64 6.67 1.79
N GLU B 68 -5.52 7.43 2.86
CA GLU B 68 -4.41 7.30 3.80
C GLU B 68 -4.92 6.83 5.16
N ASP B 69 -4.18 5.91 5.77
CA ASP B 69 -4.50 5.48 7.13
C ASP B 69 -3.71 6.34 8.11
N MET B 70 -3.72 5.98 9.40
N MET B 70 -3.69 5.95 9.39
CA MET B 70 -3.13 6.87 10.40
CA MET B 70 -3.09 6.78 10.42
C MET B 70 -1.62 7.00 10.24
C MET B 70 -1.57 6.89 10.29
N MET B 71 -0.96 6.03 9.61
N MET B 71 -0.92 5.96 9.60
CA MET B 71 0.47 6.09 9.39
CA MET B 71 0.50 6.03 9.35
C MET B 71 0.84 6.74 8.06
C MET B 71 0.85 6.71 8.03
N GLY B 72 -0.16 7.15 7.27
CA GLY B 72 0.07 7.73 5.97
C GLY B 72 0.18 6.72 4.86
N PHE B 73 0.01 5.44 5.14
CA PHE B 73 0.04 4.43 4.10
C PHE B 73 -1.17 4.56 3.19
N THR B 74 -0.94 4.37 1.90
CA THR B 74 -2.01 4.11 0.95
C THR B 74 -2.08 2.62 0.68
N PRO B 75 -3.15 2.15 0.05
CA PRO B 75 -3.20 0.73 -0.29
C PRO B 75 -1.97 0.28 -1.07
N LEU B 76 -1.40 1.16 -1.89
CA LEU B 76 -0.22 0.82 -2.68
C LEU B 76 0.98 0.56 -1.79
N HIS B 77 1.14 1.33 -0.72
CA HIS B 77 2.22 1.07 0.24
C HIS B 77 2.13 -0.36 0.75
N LEU B 78 0.93 -0.75 1.21
CA LEU B 78 0.76 -2.06 1.81
C LEU B 78 0.90 -3.17 0.78
N ALA B 79 0.38 -2.97 -0.43
CA ALA B 79 0.47 -4.02 -1.43
C ALA B 79 1.93 -4.24 -1.85
N ALA B 80 2.68 -3.15 -2.01
CA ALA B 80 4.09 -3.28 -2.31
C ALA B 80 4.83 -4.01 -1.19
N ALA B 81 4.64 -3.58 0.05
CA ALA B 81 5.41 -4.12 1.16
C ALA B 81 5.17 -5.61 1.34
N TRP B 82 3.96 -6.10 1.04
CA TRP B 82 3.62 -7.50 1.24
C TRP B 82 3.62 -8.29 -0.06
N GLY B 83 4.29 -7.79 -1.08
CA GLY B 83 4.62 -8.60 -2.25
C GLY B 83 3.42 -9.06 -3.05
N HIS B 84 2.46 -8.18 -3.28
CA HIS B 84 1.29 -8.50 -4.08
C HIS B 84 1.39 -7.70 -5.37
N LEU B 85 2.03 -8.30 -6.38
CA LEU B 85 2.36 -7.56 -7.59
C LEU B 85 1.12 -7.23 -8.40
N GLU B 86 0.21 -8.18 -8.56
CA GLU B 86 -1.00 -7.92 -9.35
C GLU B 86 -1.83 -6.81 -8.73
N ILE B 87 -1.90 -6.78 -7.39
CA ILE B 87 -2.62 -5.71 -6.71
C ILE B 87 -1.91 -4.37 -6.93
N VAL B 88 -0.57 -4.37 -6.83
CA VAL B 88 0.19 -3.16 -7.12
C VAL B 88 -0.18 -2.62 -8.50
N GLU B 89 -0.23 -3.51 -9.49
CA GLU B 89 -0.49 -3.07 -10.86
C GLU B 89 -1.93 -2.58 -11.03
N VAL B 90 -2.89 -3.32 -10.47
CA VAL B 90 -4.28 -2.88 -10.52
C VAL B 90 -4.44 -1.53 -9.84
N LEU B 91 -3.84 -1.36 -8.66
CA LEU B 91 -3.93 -0.09 -7.97
C LEU B 91 -3.39 1.05 -8.83
N LEU B 92 -2.21 0.85 -9.44
CA LEU B 92 -1.62 1.87 -10.29
C LEU B 92 -2.49 2.14 -11.51
N LYS B 93 -3.05 1.09 -12.12
CA LYS B 93 -3.93 1.26 -13.26
C LYS B 93 -5.14 2.13 -12.92
N HIS B 94 -5.55 2.15 -11.66
CA HIS B 94 -6.72 2.92 -11.22
C HIS B 94 -6.34 4.22 -10.55
N GLY B 95 -5.13 4.74 -10.80
CA GLY B 95 -4.76 6.06 -10.34
C GLY B 95 -4.05 6.14 -9.02
N ALA B 96 -3.54 5.03 -8.49
CA ALA B 96 -2.78 5.08 -7.26
C ALA B 96 -1.58 6.01 -7.43
N ASP B 97 -1.39 6.92 -6.48
CA ASP B 97 -0.25 7.82 -6.50
C ASP B 97 1.02 7.03 -6.24
N VAL B 98 1.83 6.84 -7.29
CA VAL B 98 3.02 5.99 -7.18
C VAL B 98 4.06 6.57 -6.24
N ASN B 99 4.01 7.88 -6.00
CA ASN B 99 4.99 8.56 -5.16
C ASN B 99 4.40 9.02 -3.83
N ALA B 100 3.33 8.37 -3.38
CA ALA B 100 2.74 8.70 -2.10
C ALA B 100 3.75 8.54 -0.97
N GLN B 101 3.80 9.53 -0.09
CA GLN B 101 4.67 9.52 1.08
C GLN B 101 3.83 9.28 2.33
N ASP B 102 4.25 8.33 3.17
CA ASP B 102 3.62 8.15 4.46
C ASP B 102 4.13 9.22 5.42
N ASN B 103 3.72 9.14 6.69
CA ASN B 103 4.04 10.18 7.65
C ASN B 103 5.53 10.27 7.98
N GLN B 104 6.34 9.28 7.56
CA GLN B 104 7.79 9.33 7.71
C GLN B 104 8.50 9.53 6.38
N GLY B 105 7.77 9.91 5.33
CA GLY B 105 8.38 10.20 4.05
C GLY B 105 8.72 8.98 3.22
N VAL B 106 8.24 7.81 3.61
CA VAL B 106 8.53 6.57 2.89
C VAL B 106 7.54 6.43 1.74
N THR B 107 8.05 6.13 0.56
CA THR B 107 7.25 5.92 -0.63
C THR B 107 7.19 4.44 -0.97
N PRO B 108 6.32 4.05 -1.90
CA PRO B 108 6.32 2.64 -2.30
C PRO B 108 7.64 2.18 -2.86
N LEU B 109 8.38 3.06 -3.55
CA LEU B 109 9.68 2.66 -4.06
C LEU B 109 10.64 2.36 -2.93
N HIS B 110 10.69 3.21 -1.89
CA HIS B 110 11.47 2.88 -0.70
C HIS B 110 11.19 1.45 -0.25
N LEU B 111 9.90 1.12 -0.11
CA LEU B 111 9.50 -0.18 0.41
C LEU B 111 9.97 -1.30 -0.52
N ALA B 112 9.64 -1.19 -1.80
CA ALA B 112 10.07 -2.23 -2.74
C ALA B 112 11.59 -2.37 -2.73
N ALA B 113 12.31 -1.25 -2.65
CA ALA B 113 13.77 -1.28 -2.63
C ALA B 113 14.29 -2.00 -1.39
N TYR B 114 13.71 -1.70 -0.23
CA TYR B 114 14.18 -2.31 1.00
C TYR B 114 13.85 -3.80 1.03
N GLU B 115 12.61 -4.16 0.69
CA GLU B 115 12.21 -5.57 0.73
C GLU B 115 13.09 -6.43 -0.17
N GLY B 116 13.53 -5.88 -1.30
CA GLY B 116 14.44 -6.58 -2.18
C GLY B 116 13.79 -7.28 -3.35
N HIS B 117 12.63 -6.82 -3.80
CA HIS B 117 11.92 -7.44 -4.92
C HIS B 117 12.17 -6.61 -6.17
N LEU B 118 13.04 -7.11 -7.05
CA LEU B 118 13.45 -6.35 -8.22
C LEU B 118 12.26 -6.01 -9.10
N GLU B 119 11.38 -6.97 -9.35
CA GLU B 119 10.26 -6.74 -10.26
C GLU B 119 9.37 -5.63 -9.75
N PHE B 120 9.18 -5.53 -8.44
CA PHE B 120 8.39 -4.44 -7.88
C PHE B 120 9.07 -3.09 -8.13
N VAL B 121 10.39 -3.03 -7.98
CA VAL B 121 11.11 -1.79 -8.27
C VAL B 121 10.91 -1.40 -9.73
N GLU B 122 11.07 -2.35 -10.64
CA GLU B 122 10.92 -2.07 -12.07
C GLU B 122 9.52 -1.56 -12.39
N VAL B 123 8.49 -2.26 -11.87
CA VAL B 123 7.12 -1.83 -12.10
C VAL B 123 6.92 -0.39 -11.66
N LEU B 124 7.33 -0.08 -10.43
CA LEU B 124 7.15 1.27 -9.90
C LEU B 124 7.93 2.29 -10.72
N LEU B 125 9.19 2.00 -11.04
CA LEU B 125 9.95 2.90 -11.89
C LEU B 125 9.23 3.12 -13.22
N LYS B 126 8.65 2.05 -13.79
CA LYS B 126 7.97 2.20 -15.07
C LYS B 126 6.80 3.16 -14.97
N HIS B 127 6.15 3.23 -13.81
CA HIS B 127 5.00 4.09 -13.59
C HIS B 127 5.38 5.43 -12.98
N GLY B 128 6.64 5.80 -13.03
CA GLY B 128 7.06 7.14 -12.63
C GLY B 128 7.49 7.30 -11.19
N ALA B 129 7.90 6.24 -10.51
CA ALA B 129 8.34 6.38 -9.13
C ALA B 129 9.57 7.27 -9.05
N ASP B 130 9.64 8.06 -7.98
CA ASP B 130 10.67 9.09 -7.82
C ASP B 130 11.90 8.49 -7.14
N VAL B 131 12.98 8.35 -7.91
CA VAL B 131 14.19 7.76 -7.37
C VAL B 131 14.86 8.66 -6.35
N ASN B 132 14.52 9.95 -6.32
CA ASN B 132 15.18 10.93 -5.48
C ASN B 132 14.42 11.24 -4.20
N ALA B 133 13.29 10.58 -3.95
CA ALA B 133 12.52 10.85 -2.75
C ALA B 133 13.33 10.51 -1.49
N GLN B 134 13.31 11.41 -0.52
CA GLN B 134 13.98 11.21 0.76
C GLN B 134 12.95 11.11 1.88
N ASP B 135 13.09 10.07 2.71
CA ASP B 135 12.24 9.91 3.88
C ASP B 135 12.74 10.81 5.00
N LYS B 136 12.17 10.65 6.20
CA LYS B 136 12.46 11.55 7.31
C LYS B 136 13.94 11.51 7.73
N PHE B 137 14.68 10.49 7.31
CA PHE B 137 16.10 10.39 7.63
C PHE B 137 16.99 10.75 6.45
N GLY B 138 16.45 11.41 5.44
CA GLY B 138 17.21 11.75 4.25
C GLY B 138 17.54 10.57 3.35
N LYS B 139 16.97 9.39 3.62
CA LYS B 139 17.29 8.20 2.85
C LYS B 139 16.47 8.12 1.57
N THR B 140 17.14 7.79 0.48
CA THR B 140 16.50 7.47 -0.79
C THR B 140 16.24 5.98 -0.88
N PRO B 141 15.42 5.53 -1.84
CA PRO B 141 15.31 4.08 -2.07
C PRO B 141 16.65 3.42 -2.27
N PHE B 142 17.56 4.05 -3.02
CA PHE B 142 18.90 3.53 -3.17
C PHE B 142 19.55 3.26 -1.82
N ASP B 143 19.52 4.27 -0.93
CA ASP B 143 20.12 4.09 0.38
C ASP B 143 19.55 2.87 1.09
N LEU B 144 18.23 2.70 1.04
CA LEU B 144 17.60 1.56 1.70
C LEU B 144 18.05 0.25 1.07
N ALA B 145 18.10 0.20 -0.27
CA ALA B 145 18.53 -1.03 -0.94
C ALA B 145 19.97 -1.39 -0.59
N ILE B 146 20.88 -0.42 -0.72
CA ILE B 146 22.29 -0.72 -0.47
C ILE B 146 22.52 -1.04 1.00
N ASP B 147 21.78 -0.38 1.91
CA ASP B 147 21.90 -0.71 3.33
C ASP B 147 21.35 -2.09 3.66
N ASN B 148 20.66 -2.75 2.73
CA ASN B 148 20.04 -4.04 2.98
C ASN B 148 20.55 -5.11 2.00
N GLY B 149 21.73 -4.93 1.44
CA GLY B 149 22.33 -5.95 0.59
C GLY B 149 21.62 -6.21 -0.71
N ASN B 150 20.69 -5.34 -1.10
CA ASN B 150 19.97 -5.52 -2.36
C ASN B 150 20.72 -4.78 -3.48
N GLU B 151 21.86 -5.36 -3.85
CA GLU B 151 22.79 -4.68 -4.76
C GLU B 151 22.19 -4.53 -6.15
N ASP B 152 21.55 -5.59 -6.66
CA ASP B 152 20.99 -5.51 -8.01
C ASP B 152 19.99 -4.37 -8.11
N ILE B 153 19.19 -4.16 -7.07
CA ILE B 153 18.23 -3.05 -7.05
C ILE B 153 18.97 -1.72 -6.99
N ALA B 154 19.97 -1.62 -6.11
CA ALA B 154 20.74 -0.40 -6.01
C ALA B 154 21.28 0.03 -7.37
N GLU B 155 21.77 -0.92 -8.16
CA GLU B 155 22.32 -0.58 -9.47
C GLU B 155 21.23 -0.15 -10.44
N VAL B 156 20.09 -0.85 -10.42
CA VAL B 156 18.97 -0.43 -11.26
C VAL B 156 18.51 0.97 -10.89
N LEU B 157 18.48 1.25 -9.58
CA LEU B 157 18.08 2.58 -9.12
C LEU B 157 19.10 3.64 -9.53
N GLN B 158 20.39 3.29 -9.50
CA GLN B 158 21.41 4.25 -9.92
C GLN B 158 21.23 4.63 -11.39
N LYS B 159 21.10 3.63 -12.26
CA LYS B 159 20.95 3.93 -13.68
C LYS B 159 19.70 4.75 -13.94
N ALA B 160 18.63 4.48 -13.20
CA ALA B 160 17.42 5.28 -13.34
C ALA B 160 17.68 6.73 -12.93
N ALA B 161 18.52 6.94 -11.91
CA ALA B 161 18.84 8.28 -11.45
C ALA B 161 19.54 9.12 -12.51
N LYS B 162 20.01 8.50 -13.59
CA LYS B 162 20.68 9.23 -14.67
C LYS B 162 19.77 9.37 -15.89
S SO4 C . -7.71 -13.55 -4.78
O1 SO4 C . -8.90 -12.71 -4.71
O2 SO4 C . -7.92 -14.74 -3.96
O3 SO4 C . -6.55 -12.82 -4.26
O4 SO4 C . -7.46 -13.93 -6.17
S SO4 D . 12.01 -10.38 -7.49
O1 SO4 D . 10.79 -9.63 -7.22
O2 SO4 D . 11.87 -11.74 -6.98
O3 SO4 D . 12.27 -10.41 -8.92
O4 SO4 D . 13.14 -9.73 -6.81
S SO4 E . 1.16 -11.78 -7.22
O1 SO4 E . 0.25 -10.86 -7.89
O2 SO4 E . 0.39 -12.56 -6.25
O3 SO4 E . 2.20 -11.03 -6.51
O4 SO4 E . 1.77 -12.67 -8.20
S SO4 F . -26.09 0.17 10.92
O1 SO4 F . -27.15 1.06 10.47
O2 SO4 F . -26.67 -1.04 11.48
O3 SO4 F . -25.30 0.85 11.94
O4 SO4 F . -25.24 -0.18 9.79
#